data_4RH1
#
_entry.id   4RH1
#
_cell.length_a   53.440
_cell.length_b   58.560
_cell.length_c   130.960
_cell.angle_alpha   90.00
_cell.angle_beta   90.00
_cell.angle_gamma   90.00
#
_symmetry.space_group_name_H-M   'P 21 21 21'
#
loop_
_entity.id
_entity.type
_entity.pdbx_description
1 polymer 'Spore photoproduct lyase'
2 non-polymer 'IRON/SULFUR CLUSTER'
3 non-polymer [(3S)-3-amino-4-hydroxy-4-oxo-butyl]-[[(2S,3S,4R,5R)-5-(6-aminopurin-9-yl)-3,4-dihydroxy-oxolan-2-yl]methyl]-methyl-selanium
4 non-polymer 'SULFATE ION'
5 non-polymer 1-[(2R,4S,5R)-5-(hydroxymethyl)-4-oxidanyl-oxolan-2-yl]-5-[[(5R)-1-[(2R,4S,5R)-5-(hydroxymethyl)-4-oxidanyl-oxolan-2-yl]-5-methyl-2,4-bis(oxidanylidene)-1,3-diazinan-5-yl]methyl]pyrimidine-2,4-dione
6 water water
#
_entity_poly.entity_id   1
_entity_poly.type   'polypeptide(L)'
_entity_poly.pdbx_seq_one_letter_code
;MKHHHHHHPMSDYDIPTTENLYFQGAMGKPFVPKLVYFEPEALSYPLGKELYEKFTQMGIKIRETTSHNQVRGIPGETEL
ARYRNAKSTLVVGVRRTLKFDSCKPSAEYAIPLATGCMGHCHYCYLQTTLGSKPYIRVYVNLDDIFAQAQKYINERAPEI
TRFEAAATSDIVGIDHLTHSLKKAIEFIGATDYGRLRFVTKYEHVDHLLDARHNGKTRFRFSINSRYVINHFEPGTSSFD
GRLAAARKVAGAGYKLGFVVAPIYRHEGWERGYFELFQELARQLEGMDLSDLTFELIQHRFTKPAKRVIEQRYPKTRLDL
DETKRKYKWGRYGIGKYVYRDEEAKELEDTMRRYIEQFFPGAYVQYFT
;
_entity_poly.pdbx_strand_id   A
#
# COMPACT_ATOMS: atom_id res chain seq x y z
N LYS A 29 -15.89 -2.07 2.92
CA LYS A 29 -15.65 -2.82 4.19
C LYS A 29 -16.40 -4.16 4.21
N PRO A 30 -15.88 -5.17 3.48
CA PRO A 30 -14.76 -5.15 2.54
C PRO A 30 -15.11 -4.52 1.20
N PHE A 31 -14.09 -4.15 0.42
CA PHE A 31 -14.30 -3.40 -0.82
C PHE A 31 -14.94 -4.24 -1.92
N VAL A 32 -16.10 -3.76 -2.39
CA VAL A 32 -16.78 -4.33 -3.55
C VAL A 32 -17.06 -3.17 -4.51
N PRO A 33 -16.54 -3.26 -5.75
CA PRO A 33 -16.71 -2.15 -6.70
C PRO A 33 -18.16 -1.99 -7.15
N LYS A 34 -18.50 -0.80 -7.64
CA LYS A 34 -19.85 -0.52 -8.14
C LYS A 34 -19.83 -0.41 -9.66
N LEU A 35 -18.72 -0.82 -10.27
CA LEU A 35 -18.51 -0.75 -11.70
C LEU A 35 -17.24 -1.54 -12.01
N VAL A 36 -17.32 -2.49 -12.93
CA VAL A 36 -16.18 -3.33 -13.27
C VAL A 36 -15.93 -3.36 -14.78
N TYR A 37 -14.72 -2.95 -15.19
CA TYR A 37 -14.29 -3.11 -16.58
C TYR A 37 -13.48 -4.38 -16.73
N PHE A 38 -13.59 -5.01 -17.90
CA PHE A 38 -12.79 -6.17 -18.25
C PHE A 38 -12.11 -5.90 -19.57
N GLU A 39 -10.82 -6.25 -19.66
CA GLU A 39 -10.16 -6.36 -20.95
C GLU A 39 -10.65 -7.63 -21.61
N PRO A 40 -10.84 -7.63 -22.94
CA PRO A 40 -11.18 -8.89 -23.60
C PRO A 40 -10.15 -9.98 -23.34
N GLU A 41 -8.87 -9.62 -23.38
CA GLU A 41 -7.77 -10.56 -23.14
C GLU A 41 -7.79 -11.17 -21.73
N ALA A 42 -8.34 -10.44 -20.76
CA ALA A 42 -8.45 -10.94 -19.38
C ALA A 42 -9.25 -12.23 -19.28
N LEU A 43 -10.28 -12.36 -20.11
CA LEU A 43 -11.18 -13.52 -20.07
C LEU A 43 -10.50 -14.82 -20.52
N SER A 44 -9.34 -14.70 -21.16
CA SER A 44 -8.55 -15.87 -21.54
C SER A 44 -7.75 -16.47 -20.37
N TYR A 45 -7.83 -15.87 -19.19
CA TYR A 45 -7.13 -16.36 -18.00
C TYR A 45 -8.11 -16.85 -16.92
N PRO A 46 -7.69 -17.85 -16.12
CA PRO A 46 -8.53 -18.40 -15.06
C PRO A 46 -9.15 -17.37 -14.12
N LEU A 47 -8.32 -16.45 -13.61
CA LEU A 47 -8.78 -15.42 -12.67
C LEU A 47 -9.71 -14.41 -13.35
N GLY A 48 -9.44 -14.12 -14.63
CA GLY A 48 -10.32 -13.27 -15.42
C GLY A 48 -11.67 -13.94 -15.64
N LYS A 49 -11.63 -15.25 -15.89
CA LYS A 49 -12.83 -16.06 -16.03
C LYS A 49 -13.62 -16.12 -14.73
N GLU A 50 -12.91 -16.26 -13.61
CA GLU A 50 -13.53 -16.36 -12.29
C GLU A 50 -14.19 -15.06 -11.84
N LEU A 51 -13.52 -13.93 -12.08
CA LEU A 51 -14.02 -12.63 -11.65
C LEU A 51 -15.25 -12.21 -12.46
N TYR A 52 -15.22 -12.50 -13.76
CA TYR A 52 -16.38 -12.24 -14.62
C TYR A 52 -17.61 -13.02 -14.15
N GLU A 53 -17.40 -14.27 -13.75
CA GLU A 53 -18.48 -15.11 -13.21
C GLU A 53 -19.00 -14.56 -11.88
N LYS A 54 -18.07 -14.11 -11.03
CA LYS A 54 -18.40 -13.59 -9.71
C LYS A 54 -19.19 -12.27 -9.79
N PHE A 55 -18.69 -11.34 -10.59
CA PHE A 55 -19.28 -10.00 -10.65
C PHE A 55 -20.59 -9.92 -11.42
N THR A 56 -20.73 -10.72 -12.47
CA THR A 56 -22.02 -10.86 -13.17
C THR A 56 -23.08 -11.51 -12.27
N GLN A 57 -22.65 -12.48 -11.45
CA GLN A 57 -23.55 -13.12 -10.50
C GLN A 57 -24.03 -12.14 -9.42
N MET A 58 -23.17 -11.21 -9.04
CA MET A 58 -23.53 -10.21 -8.03
C MET A 58 -24.40 -9.11 -8.62
N GLY A 59 -24.49 -9.06 -9.94
CA GLY A 59 -25.37 -8.11 -10.64
C GLY A 59 -24.76 -6.73 -10.81
N ILE A 60 -23.45 -6.63 -10.66
CA ILE A 60 -22.74 -5.36 -10.79
C ILE A 60 -22.68 -4.98 -12.28
N LYS A 61 -22.69 -3.69 -12.57
CA LYS A 61 -22.59 -3.22 -13.95
C LYS A 61 -21.19 -3.53 -14.45
N ILE A 62 -21.10 -4.18 -15.60
CA ILE A 62 -19.83 -4.64 -16.15
C ILE A 62 -19.65 -4.13 -17.58
N ARG A 63 -18.43 -3.70 -17.90
CA ARG A 63 -18.12 -3.14 -19.21
C ARG A 63 -16.84 -3.74 -19.79
N GLU A 64 -16.64 -3.49 -21.09
CA GLU A 64 -15.40 -3.82 -21.77
C GLU A 64 -14.56 -2.55 -21.88
N THR A 65 -13.24 -2.73 -21.84
CA THR A 65 -12.28 -1.68 -22.18
C THR A 65 -11.18 -2.31 -23.02
N THR A 66 -10.77 -1.63 -24.08
CA THR A 66 -9.76 -2.15 -24.99
C THR A 66 -8.36 -2.21 -24.35
N SER A 67 -8.14 -1.42 -23.30
CA SER A 67 -6.93 -1.52 -22.48
C SER A 67 -7.19 -0.94 -21.09
N HIS A 68 -6.66 -1.60 -20.06
CA HIS A 68 -6.75 -1.10 -18.68
C HIS A 68 -5.97 0.21 -18.50
N ASN A 69 -5.03 0.47 -19.40
CA ASN A 69 -4.27 1.72 -19.41
C ASN A 69 -5.12 2.91 -19.89
N GLN A 70 -6.18 2.64 -20.64
CA GLN A 70 -7.14 3.68 -21.06
C GLN A 70 -8.58 3.18 -21.01
N VAL A 71 -9.25 3.50 -19.89
CA VAL A 71 -10.64 3.11 -19.65
C VAL A 71 -11.54 4.32 -19.83
N ARG A 72 -12.62 4.15 -20.59
CA ARG A 72 -13.52 5.25 -20.94
C ARG A 72 -14.89 5.09 -20.30
N GLY A 73 -15.56 6.21 -20.08
CA GLY A 73 -16.95 6.22 -19.66
C GLY A 73 -17.23 6.08 -18.17
N ILE A 74 -16.26 6.47 -17.35
CA ILE A 74 -16.46 6.49 -15.91
C ILE A 74 -17.37 7.67 -15.56
N PRO A 75 -18.49 7.40 -14.84
CA PRO A 75 -19.47 8.47 -14.58
C PRO A 75 -18.92 9.66 -13.78
N GLY A 76 -19.63 10.78 -13.87
CA GLY A 76 -19.20 12.05 -13.29
C GLY A 76 -19.17 13.15 -14.33
N GLU A 77 -19.22 14.40 -13.87
CA GLU A 77 -19.20 15.57 -14.75
C GLU A 77 -18.03 16.51 -14.41
N THR A 78 -17.72 16.62 -13.13
CA THR A 78 -16.48 17.26 -12.70
C THR A 78 -15.38 16.20 -12.61
N GLU A 79 -14.12 16.64 -12.68
CA GLU A 79 -13.00 15.76 -12.46
C GLU A 79 -13.11 15.08 -11.09
N LEU A 80 -13.53 15.85 -10.08
CA LEU A 80 -13.70 15.34 -8.72
C LEU A 80 -14.74 14.22 -8.65
N ALA A 81 -15.81 14.30 -9.43
CA ALA A 81 -16.82 13.26 -9.47
C ALA A 81 -16.24 11.97 -10.02
N ARG A 82 -15.56 12.09 -11.16
CA ARG A 82 -14.90 10.95 -11.81
C ARG A 82 -13.79 10.35 -10.96
N TYR A 83 -13.16 11.17 -10.12
CA TYR A 83 -12.16 10.69 -9.16
C TYR A 83 -12.80 9.81 -8.10
N ARG A 84 -13.88 10.30 -7.49
CA ARG A 84 -14.64 9.53 -6.51
C ARG A 84 -15.15 8.22 -7.10
N ASN A 85 -15.62 8.27 -8.34
CA ASN A 85 -16.22 7.12 -9.00
C ASN A 85 -15.18 6.13 -9.51
N ALA A 86 -14.02 6.63 -9.94
CA ALA A 86 -12.88 5.77 -10.32
C ALA A 86 -12.47 4.90 -9.12
N LYS A 87 -12.38 5.51 -7.95
CA LYS A 87 -12.03 4.79 -6.73
C LYS A 87 -13.08 3.77 -6.26
N SER A 88 -14.17 3.63 -7.01
CA SER A 88 -15.15 2.56 -6.80
C SER A 88 -15.20 1.62 -8.02
N THR A 89 -14.29 1.82 -8.97
CA THR A 89 -14.24 1.05 -10.20
C THR A 89 -13.07 0.07 -10.21
N LEU A 90 -13.37 -1.20 -10.49
CA LEU A 90 -12.34 -2.22 -10.67
C LEU A 90 -12.09 -2.41 -12.16
N VAL A 91 -10.83 -2.66 -12.53
CA VAL A 91 -10.47 -2.97 -13.92
C VAL A 91 -9.64 -4.24 -13.96
N VAL A 92 -10.23 -5.31 -14.48
CA VAL A 92 -9.55 -6.60 -14.58
C VAL A 92 -8.81 -6.61 -15.90
N GLY A 93 -7.48 -6.69 -15.84
CA GLY A 93 -6.63 -6.61 -17.03
C GLY A 93 -5.47 -7.58 -17.01
N VAL A 94 -4.57 -7.40 -17.97
CA VAL A 94 -3.39 -8.24 -18.13
C VAL A 94 -2.14 -7.38 -18.01
N ARG A 95 -1.19 -7.80 -17.17
CA ARG A 95 0.10 -7.12 -17.09
C ARG A 95 0.92 -7.47 -18.33
N ARG A 96 1.11 -6.48 -19.20
CA ARG A 96 1.90 -6.64 -20.43
C ARG A 96 3.34 -6.17 -20.26
N THR A 97 3.56 -5.22 -19.34
CA THR A 97 4.90 -4.84 -18.94
C THR A 97 5.37 -5.77 -17.84
N LEU A 98 6.12 -6.79 -18.21
CA LEU A 98 6.57 -7.80 -17.25
C LEU A 98 7.84 -7.38 -16.53
N LYS A 99 8.56 -6.40 -17.06
CA LYS A 99 9.72 -5.85 -16.36
C LYS A 99 9.27 -5.12 -15.10
N PHE A 100 9.87 -5.49 -13.96
CA PHE A 100 9.50 -4.91 -12.66
C PHE A 100 10.28 -3.64 -12.41
N ASP A 101 9.64 -2.68 -11.75
CA ASP A 101 10.34 -1.50 -11.25
C ASP A 101 11.19 -1.91 -10.06
N SER A 102 12.27 -1.18 -9.81
CA SER A 102 12.96 -1.26 -8.54
C SER A 102 12.08 -0.61 -7.47
N CYS A 103 12.21 -1.05 -6.23
CA CYS A 103 11.36 -0.55 -5.15
C CYS A 103 12.13 -0.30 -3.85
N LYS A 104 13.28 0.37 -3.96
CA LYS A 104 14.08 0.72 -2.78
C LYS A 104 13.44 1.91 -2.07
N PRO A 105 13.60 2.00 -0.74
CA PRO A 105 14.37 1.13 0.16
C PRO A 105 13.67 -0.16 0.61
N SER A 106 12.40 -0.36 0.24
CA SER A 106 11.64 -1.53 0.71
C SER A 106 12.17 -2.86 0.18
N ALA A 107 12.35 -2.94 -1.13
CA ALA A 107 12.63 -4.20 -1.79
C ALA A 107 13.37 -3.97 -3.10
N GLU A 108 14.12 -4.98 -3.55
CA GLU A 108 14.79 -4.89 -4.84
C GLU A 108 13.79 -4.54 -5.95
N TYR A 109 12.64 -5.21 -5.94
CA TYR A 109 11.63 -4.98 -6.99
C TYR A 109 10.22 -4.85 -6.43
N ALA A 110 9.36 -4.18 -7.19
CA ALA A 110 7.94 -4.18 -6.94
C ALA A 110 7.32 -5.25 -7.83
N ILE A 111 6.69 -6.24 -7.23
CA ILE A 111 5.95 -7.25 -7.98
C ILE A 111 4.57 -6.67 -8.32
N PRO A 112 4.25 -6.51 -9.62
CA PRO A 112 3.01 -5.87 -10.02
C PRO A 112 1.82 -6.82 -10.05
N LEU A 113 0.99 -6.75 -9.01
CA LEU A 113 -0.27 -7.52 -8.93
C LEU A 113 -1.50 -6.60 -9.05
N ALA A 114 -1.33 -5.34 -8.67
CA ALA A 114 -2.45 -4.42 -8.63
C ALA A 114 -1.98 -2.97 -8.68
N THR A 115 -2.90 -2.08 -9.04
CA THR A 115 -2.62 -0.66 -9.10
C THR A 115 -3.89 0.09 -8.74
N GLY A 116 -3.82 0.93 -7.71
CA GLY A 116 -4.96 1.74 -7.29
C GLY A 116 -5.45 1.39 -5.90
N CYS A 117 -6.38 2.19 -5.38
CA CYS A 117 -6.85 2.03 -4.01
C CYS A 117 -8.24 2.64 -3.81
N MET A 118 -9.02 2.01 -2.93
CA MET A 118 -10.36 2.51 -2.57
C MET A 118 -10.30 3.57 -1.46
N GLY A 119 -9.12 3.76 -0.87
CA GLY A 119 -8.97 4.73 0.21
C GLY A 119 -9.05 6.16 -0.29
N HIS A 120 -9.25 7.10 0.63
CA HIS A 120 -9.27 8.52 0.27
C HIS A 120 -8.29 9.32 1.13
N CYS A 121 -7.13 8.74 1.41
CA CYS A 121 -6.10 9.43 2.19
C CYS A 121 -5.73 10.75 1.50
N HIS A 122 -5.89 11.86 2.22
CA HIS A 122 -5.70 13.20 1.63
C HIS A 122 -4.28 13.43 1.11
N TYR A 123 -3.31 12.86 1.81
CA TYR A 123 -1.88 13.02 1.49
C TYR A 123 -1.37 12.03 0.42
N CYS A 124 -2.19 11.04 0.06
CA CYS A 124 -1.73 9.90 -0.73
C CYS A 124 -0.81 10.28 -1.90
N TYR A 125 0.29 9.53 -2.04
CA TYR A 125 1.27 9.79 -3.11
C TYR A 125 0.88 9.17 -4.44
N LEU A 126 -0.17 8.34 -4.43
CA LEU A 126 -0.74 7.82 -5.67
C LEU A 126 -1.49 8.89 -6.46
N GLN A 127 -1.86 9.98 -5.79
CA GLN A 127 -2.49 11.11 -6.49
C GLN A 127 -1.56 11.71 -7.56
N THR A 128 -0.26 11.47 -7.43
CA THR A 128 0.73 11.87 -8.44
C THR A 128 1.26 10.70 -9.26
N THR A 129 1.39 9.53 -8.64
CA THR A 129 1.86 8.33 -9.34
C THR A 129 0.79 7.77 -10.28
N LEU A 130 -0.46 7.76 -9.81
CA LEU A 130 -1.59 7.26 -10.59
C LEU A 130 -2.66 8.32 -10.71
N GLY A 131 -2.25 9.57 -10.84
CA GLY A 131 -3.18 10.69 -10.92
C GLY A 131 -4.20 10.52 -12.03
N SER A 132 -3.74 10.01 -13.17
CA SER A 132 -4.59 9.79 -14.34
C SER A 132 -5.32 8.45 -14.33
N LYS A 133 -4.93 7.55 -13.45
CA LYS A 133 -5.54 6.22 -13.35
C LYS A 133 -5.92 5.92 -11.90
N PRO A 134 -6.98 6.59 -11.39
CA PRO A 134 -7.37 6.43 -10.00
C PRO A 134 -8.24 5.20 -9.70
N TYR A 135 -8.61 4.45 -10.74
CA TYR A 135 -9.38 3.21 -10.53
C TYR A 135 -8.48 2.07 -10.02
N ILE A 136 -9.12 1.00 -9.55
CA ILE A 136 -8.39 -0.16 -9.07
C ILE A 136 -8.15 -1.10 -10.24
N ARG A 137 -6.88 -1.43 -10.48
CA ARG A 137 -6.48 -2.38 -11.51
C ARG A 137 -5.94 -3.64 -10.85
N VAL A 138 -6.43 -4.80 -11.27
CA VAL A 138 -5.85 -6.07 -10.90
C VAL A 138 -5.45 -6.82 -12.17
N TYR A 139 -4.28 -7.45 -12.13
CA TYR A 139 -3.75 -8.19 -13.27
C TYR A 139 -4.02 -9.67 -13.09
N VAL A 140 -4.45 -10.33 -14.18
CA VAL A 140 -4.86 -11.74 -14.12
C VAL A 140 -3.79 -12.77 -14.50
N ASN A 141 -2.78 -12.36 -15.26
CA ASN A 141 -1.75 -13.31 -15.72
C ASN A 141 -0.67 -13.51 -14.67
N LEU A 142 -1.04 -14.18 -13.58
CA LEU A 142 -0.15 -14.42 -12.46
C LEU A 142 1.00 -15.37 -12.84
N ASP A 143 0.74 -16.26 -13.79
CA ASP A 143 1.76 -17.19 -14.25
C ASP A 143 2.93 -16.46 -14.90
N ASP A 144 2.63 -15.41 -15.68
CA ASP A 144 3.65 -14.56 -16.30
C ASP A 144 4.42 -13.78 -15.24
N ILE A 145 3.68 -13.26 -14.26
CA ILE A 145 4.24 -12.36 -13.25
C ILE A 145 5.14 -13.15 -12.31
N PHE A 146 4.64 -14.27 -11.81
CA PHE A 146 5.40 -15.13 -10.92
C PHE A 146 6.64 -15.72 -11.62
N ALA A 147 6.50 -16.03 -12.91
CA ALA A 147 7.62 -16.50 -13.73
C ALA A 147 8.73 -15.46 -13.80
N GLN A 148 8.36 -14.24 -14.13
CA GLN A 148 9.32 -13.14 -14.25
C GLN A 148 9.99 -12.84 -12.91
N ALA A 149 9.22 -12.95 -11.82
CA ALA A 149 9.75 -12.75 -10.49
C ALA A 149 10.78 -13.85 -10.19
N GLN A 150 10.47 -15.08 -10.60
CA GLN A 150 11.39 -16.19 -10.47
C GLN A 150 12.67 -15.95 -11.26
N LYS A 151 12.56 -15.33 -12.44
CA LYS A 151 13.73 -14.94 -13.21
C LYS A 151 14.60 -13.97 -12.41
N TYR A 152 13.97 -12.95 -11.83
CA TYR A 152 14.69 -11.96 -11.03
C TYR A 152 15.40 -12.59 -9.83
N ILE A 153 14.75 -13.56 -9.19
CA ILE A 153 15.35 -14.25 -8.05
C ILE A 153 16.58 -15.05 -8.51
N ASN A 154 16.47 -15.69 -9.67
CA ASN A 154 17.57 -16.43 -10.26
C ASN A 154 18.75 -15.54 -10.63
N GLU A 155 18.47 -14.33 -11.10
CA GLU A 155 19.51 -13.37 -11.48
C GLU A 155 20.44 -13.01 -10.32
N ARG A 156 19.91 -12.99 -9.11
CA ARG A 156 20.67 -12.56 -7.92
C ARG A 156 21.09 -13.69 -6.98
N ALA A 157 20.42 -14.84 -7.04
CA ALA A 157 20.70 -15.95 -6.13
C ALA A 157 22.19 -16.34 -6.14
N PRO A 158 22.72 -16.76 -4.98
CA PRO A 158 22.04 -17.03 -3.72
C PRO A 158 21.77 -15.80 -2.83
N GLU A 159 21.91 -14.60 -3.37
CA GLU A 159 21.50 -13.40 -2.65
C GLU A 159 19.97 -13.37 -2.57
N ILE A 160 19.46 -12.82 -1.46
CA ILE A 160 18.02 -12.70 -1.26
C ILE A 160 17.47 -11.56 -2.12
N THR A 161 16.34 -11.80 -2.79
CA THR A 161 15.66 -10.78 -3.57
C THR A 161 14.27 -10.53 -2.99
N ARG A 162 14.03 -9.30 -2.55
CA ARG A 162 12.75 -8.93 -1.96
C ARG A 162 11.83 -8.32 -3.00
N PHE A 163 10.53 -8.59 -2.86
CA PHE A 163 9.52 -8.00 -3.71
C PHE A 163 8.47 -7.26 -2.86
N GLU A 164 8.20 -6.02 -3.22
CA GLU A 164 7.15 -5.21 -2.57
C GLU A 164 5.85 -5.35 -3.37
N ALA A 165 4.80 -5.87 -2.73
CA ALA A 165 3.52 -6.09 -3.43
C ALA A 165 2.51 -4.92 -3.32
N ALA A 166 2.82 -3.91 -2.51
CA ALA A 166 1.89 -2.79 -2.27
C ALA A 166 2.51 -1.41 -2.51
N ALA A 167 3.41 -1.31 -3.49
CA ALA A 167 4.08 -0.05 -3.80
C ALA A 167 3.14 0.99 -4.44
N THR A 168 2.19 0.51 -5.22
CA THR A 168 1.28 1.40 -5.97
C THR A 168 -0.19 1.06 -5.74
N SER A 169 -0.53 0.50 -4.58
CA SER A 169 -1.88 0.01 -4.33
C SER A 169 -2.01 -0.51 -2.91
N ASP A 170 -3.24 -0.67 -2.43
CA ASP A 170 -3.47 -1.47 -1.22
C ASP A 170 -3.89 -2.88 -1.60
N ILE A 171 -2.88 -3.68 -1.96
CA ILE A 171 -3.04 -5.05 -2.41
C ILE A 171 -3.84 -5.90 -1.41
N VAL A 172 -3.58 -5.72 -0.11
CA VAL A 172 -4.31 -6.49 0.91
C VAL A 172 -5.77 -6.09 0.89
N GLY A 173 -6.02 -4.78 0.95
CA GLY A 173 -7.39 -4.28 0.94
C GLY A 173 -8.29 -4.92 -0.10
N ILE A 174 -7.77 -5.13 -1.30
CA ILE A 174 -8.58 -5.67 -2.39
C ILE A 174 -8.47 -7.19 -2.57
N ASP A 175 -7.51 -7.83 -1.89
CA ASP A 175 -7.17 -9.22 -2.17
C ASP A 175 -8.29 -10.23 -1.94
N HIS A 176 -9.23 -9.93 -1.06
CA HIS A 176 -10.36 -10.86 -0.82
C HIS A 176 -11.17 -11.14 -2.09
N LEU A 177 -11.16 -10.21 -3.05
CA LEU A 177 -11.85 -10.39 -4.33
C LEU A 177 -11.14 -11.30 -5.31
N THR A 178 -9.81 -11.43 -5.17
CA THR A 178 -9.00 -12.13 -6.16
C THR A 178 -8.10 -13.23 -5.60
N HIS A 179 -7.63 -13.06 -4.37
CA HIS A 179 -6.71 -13.99 -3.72
C HIS A 179 -5.37 -14.04 -4.47
N SER A 180 -5.01 -12.95 -5.12
CA SER A 180 -3.78 -12.90 -5.90
C SER A 180 -2.55 -12.83 -5.01
N LEU A 181 -2.64 -12.09 -3.92
CA LEU A 181 -1.56 -11.96 -2.95
C LEU A 181 -1.34 -13.27 -2.21
N LYS A 182 -2.44 -13.94 -1.85
CA LYS A 182 -2.37 -15.26 -1.21
C LYS A 182 -1.55 -16.22 -2.08
N LYS A 183 -1.83 -16.22 -3.38
CA LYS A 183 -1.04 -16.99 -4.32
C LYS A 183 0.40 -16.50 -4.37
N ALA A 184 0.59 -15.18 -4.41
CA ALA A 184 1.93 -14.58 -4.42
C ALA A 184 2.73 -14.96 -3.16
N ILE A 185 2.04 -15.00 -2.03
CA ILE A 185 2.64 -15.43 -0.76
C ILE A 185 3.10 -16.89 -0.83
N GLU A 186 2.29 -17.75 -1.43
CA GLU A 186 2.60 -19.18 -1.50
C GLU A 186 3.69 -19.52 -2.53
N PHE A 187 3.71 -18.80 -3.65
CA PHE A 187 4.79 -18.90 -4.63
C PHE A 187 6.14 -18.55 -4.00
N ILE A 188 6.20 -17.40 -3.33
CA ILE A 188 7.45 -16.95 -2.70
C ILE A 188 7.92 -17.93 -1.63
N GLY A 189 6.99 -18.44 -0.82
CA GLY A 189 7.28 -19.46 0.18
C GLY A 189 7.94 -20.70 -0.42
N ALA A 190 7.55 -21.05 -1.65
CA ALA A 190 8.11 -22.19 -2.36
C ALA A 190 9.55 -21.95 -2.85
N THR A 191 9.91 -20.69 -3.08
CA THR A 191 11.26 -20.34 -3.52
C THR A 191 12.25 -20.37 -2.37
N ASP A 192 13.54 -20.51 -2.69
CA ASP A 192 14.60 -20.44 -1.69
C ASP A 192 14.94 -18.98 -1.35
N TYR A 193 15.38 -18.24 -2.37
CA TYR A 193 15.97 -16.92 -2.16
C TYR A 193 15.01 -15.74 -2.35
N GLY A 194 13.74 -16.01 -2.61
CA GLY A 194 12.74 -14.96 -2.81
C GLY A 194 12.07 -14.57 -1.50
N ARG A 195 11.78 -13.28 -1.35
CA ARG A 195 11.05 -12.77 -0.17
C ARG A 195 9.96 -11.78 -0.60
N LEU A 196 8.88 -11.74 0.16
CA LEU A 196 7.74 -10.89 -0.15
C LEU A 196 7.47 -9.96 1.02
N ARG A 197 7.02 -8.74 0.72
CA ARG A 197 6.53 -7.85 1.76
C ARG A 197 5.47 -6.91 1.22
N PHE A 198 4.59 -6.45 2.10
CA PHE A 198 3.53 -5.51 1.74
C PHE A 198 2.98 -4.85 3.00
N VAL A 199 2.35 -3.69 2.80
CA VAL A 199 1.86 -2.85 3.89
C VAL A 199 0.43 -2.44 3.56
N THR A 200 -0.43 -2.35 4.58
CA THR A 200 -1.86 -2.09 4.35
C THR A 200 -2.47 -1.19 5.44
N LYS A 201 -3.59 -0.57 5.09
CA LYS A 201 -4.42 0.13 6.05
C LYS A 201 -5.77 -0.56 6.22
N TYR A 202 -5.83 -1.86 5.91
CA TYR A 202 -7.08 -2.61 5.96
C TYR A 202 -6.99 -3.85 6.84
N GLU A 203 -8.12 -4.17 7.44
CA GLU A 203 -8.21 -5.24 8.44
C GLU A 203 -8.73 -6.55 7.86
N HIS A 204 -9.07 -6.55 6.57
CA HIS A 204 -9.73 -7.69 5.94
C HIS A 204 -8.69 -8.72 5.49
N VAL A 205 -8.17 -9.46 6.46
CA VAL A 205 -7.01 -10.33 6.26
C VAL A 205 -7.28 -11.80 6.59
N ASP A 206 -8.53 -12.14 6.90
CA ASP A 206 -8.86 -13.50 7.38
C ASP A 206 -8.55 -14.58 6.37
N HIS A 207 -8.79 -14.30 5.09
CA HIS A 207 -8.53 -15.27 4.02
C HIS A 207 -7.04 -15.53 3.78
N LEU A 208 -6.17 -14.72 4.38
CA LEU A 208 -4.71 -14.87 4.25
C LEU A 208 -4.08 -15.65 5.40
N LEU A 209 -4.84 -15.93 6.44
CA LEU A 209 -4.28 -16.49 7.68
C LEU A 209 -3.79 -17.94 7.54
N ASP A 210 -4.41 -18.73 6.67
CA ASP A 210 -4.00 -20.13 6.46
C ASP A 210 -3.06 -20.32 5.24
N ALA A 211 -2.43 -19.24 4.77
CA ALA A 211 -1.55 -19.29 3.61
C ALA A 211 -0.18 -19.90 3.97
N ARG A 212 0.39 -20.68 3.05
CA ARG A 212 1.70 -21.30 3.28
C ARG A 212 2.81 -20.30 2.99
N HIS A 213 2.99 -19.35 3.91
CA HIS A 213 3.96 -18.26 3.75
C HIS A 213 5.39 -18.72 4.00
N ASN A 214 5.55 -19.78 4.77
CA ASN A 214 6.86 -20.39 5.05
C ASN A 214 7.91 -19.42 5.59
N GLY A 215 7.46 -18.41 6.33
CA GLY A 215 8.33 -17.42 6.95
C GLY A 215 8.92 -16.36 6.04
N LYS A 216 8.49 -16.33 4.78
CA LYS A 216 9.11 -15.44 3.79
C LYS A 216 8.27 -14.21 3.44
N THR A 217 7.21 -13.95 4.20
CA THR A 217 6.38 -12.77 4.00
C THR A 217 6.42 -11.84 5.22
N ARG A 218 6.80 -10.59 4.99
CA ARG A 218 6.68 -9.54 5.99
C ARG A 218 5.33 -8.85 5.78
N PHE A 219 4.40 -9.08 6.70
CA PHE A 219 3.05 -8.51 6.65
C PHE A 219 3.05 -7.23 7.47
N ARG A 220 2.96 -6.09 6.79
CA ARG A 220 3.03 -4.80 7.46
C ARG A 220 1.73 -4.00 7.46
N PHE A 221 1.61 -3.09 8.42
CA PHE A 221 0.46 -2.23 8.57
C PHE A 221 0.90 -0.78 8.73
N SER A 222 0.24 0.13 8.00
CA SER A 222 0.51 1.56 8.15
C SER A 222 -0.17 2.07 9.42
N ILE A 223 0.57 2.80 10.24
CA ILE A 223 0.02 3.40 11.46
C ILE A 223 0.44 4.87 11.55
N ASN A 224 -0.22 5.61 12.45
CA ASN A 224 0.02 7.05 12.59
C ASN A 224 -0.57 7.60 13.88
N SER A 225 -0.29 8.87 14.14
CA SER A 225 -0.90 9.59 15.25
C SER A 225 -2.40 9.76 15.01
N ARG A 226 -3.15 9.99 16.09
CA ARG A 226 -4.60 10.12 16.02
C ARG A 226 -5.03 11.29 15.13
N TYR A 227 -4.28 12.38 15.20
CA TYR A 227 -4.50 13.55 14.36
C TYR A 227 -4.52 13.19 12.87
N VAL A 228 -3.54 12.39 12.44
CA VAL A 228 -3.36 12.05 11.02
C VAL A 228 -4.42 11.04 10.54
N ILE A 229 -4.71 10.04 11.35
CA ILE A 229 -5.69 9.01 10.97
C ILE A 229 -7.08 9.61 10.83
N ASN A 230 -7.55 10.28 11.88
CA ASN A 230 -8.89 10.89 11.90
C ASN A 230 -9.11 11.94 10.82
N HIS A 231 -8.16 12.85 10.67
CA HIS A 231 -8.28 13.95 9.71
C HIS A 231 -8.01 13.57 8.26
N PHE A 232 -7.02 12.69 8.02
CA PHE A 232 -6.49 12.47 6.67
C PHE A 232 -6.68 11.09 6.05
N GLU A 233 -7.29 10.14 6.76
CA GLU A 233 -7.35 8.75 6.26
C GLU A 233 -8.76 8.13 6.18
N PRO A 234 -9.71 8.82 5.53
CA PRO A 234 -11.03 8.23 5.33
C PRO A 234 -11.01 7.10 4.29
N GLY A 235 -11.94 6.14 4.45
CA GLY A 235 -12.04 4.99 3.55
C GLY A 235 -11.11 3.84 3.91
N THR A 236 -10.42 3.97 5.04
CA THR A 236 -9.50 2.95 5.51
C THR A 236 -10.04 2.33 6.80
N SER A 237 -9.36 1.31 7.30
CA SER A 237 -9.75 0.69 8.56
C SER A 237 -9.14 1.47 9.72
N SER A 238 -9.88 1.53 10.82
CA SER A 238 -9.46 2.27 12.00
C SER A 238 -8.19 1.67 12.61
N PHE A 239 -7.51 2.46 13.45
CA PHE A 239 -6.29 2.02 14.11
C PHE A 239 -6.47 0.66 14.80
N ASP A 240 -7.58 0.51 15.51
CA ASP A 240 -7.93 -0.75 16.16
C ASP A 240 -8.14 -1.90 15.17
N GLY A 241 -8.75 -1.59 14.04
CA GLY A 241 -8.94 -2.57 12.97
C GLY A 241 -7.63 -3.11 12.43
N ARG A 242 -6.65 -2.22 12.27
CA ARG A 242 -5.33 -2.61 11.78
C ARG A 242 -4.58 -3.45 12.83
N LEU A 243 -4.78 -3.13 14.10
CA LEU A 243 -4.09 -3.83 15.19
C LEU A 243 -4.69 -5.21 15.48
N ALA A 244 -6.00 -5.35 15.37
CA ALA A 244 -6.64 -6.66 15.46
C ALA A 244 -6.09 -7.55 14.33
N ALA A 245 -6.13 -7.02 13.11
CA ALA A 245 -5.57 -7.72 11.95
C ALA A 245 -4.08 -8.02 12.12
N ALA A 246 -3.36 -7.14 12.81
CA ALA A 246 -1.92 -7.34 13.07
C ALA A 246 -1.70 -8.51 14.02
N ARG A 247 -2.51 -8.59 15.08
CA ARG A 247 -2.45 -9.70 16.03
C ARG A 247 -2.73 -11.05 15.37
N LYS A 248 -3.71 -11.07 14.47
CA LYS A 248 -4.07 -12.29 13.73
C LYS A 248 -2.92 -12.85 12.88
N VAL A 249 -2.27 -11.98 12.11
CA VAL A 249 -1.22 -12.43 11.18
C VAL A 249 0.06 -12.83 11.91
N ALA A 250 0.39 -12.11 12.97
CA ALA A 250 1.48 -12.51 13.85
C ALA A 250 1.14 -13.86 14.50
N GLY A 251 -0.14 -14.03 14.83
CA GLY A 251 -0.65 -15.29 15.34
C GLY A 251 -0.62 -16.42 14.33
N ALA A 252 -0.61 -16.07 13.04
CA ALA A 252 -0.55 -17.04 11.95
C ALA A 252 0.89 -17.35 11.54
N GLY A 253 1.86 -16.77 12.23
CA GLY A 253 3.27 -17.04 11.98
C GLY A 253 3.92 -16.15 10.94
N TYR A 254 3.19 -15.15 10.45
CA TYR A 254 3.76 -14.16 9.53
C TYR A 254 4.80 -13.35 10.30
N LYS A 255 5.76 -12.81 9.57
CA LYS A 255 6.64 -11.79 10.13
C LYS A 255 5.85 -10.48 10.16
N LEU A 256 5.96 -9.75 11.27
CA LEU A 256 5.17 -8.55 11.49
C LEU A 256 6.05 -7.31 11.40
N GLY A 257 5.46 -6.23 10.91
CA GLY A 257 6.13 -4.93 10.85
C GLY A 257 5.14 -3.81 10.76
N PHE A 258 5.58 -2.59 11.03
CA PHE A 258 4.74 -1.43 10.87
C PHE A 258 5.47 -0.36 10.07
N VAL A 259 4.69 0.44 9.36
CA VAL A 259 5.20 1.59 8.64
C VAL A 259 4.59 2.82 9.26
N VAL A 260 5.41 3.61 9.97
CA VAL A 260 4.95 4.88 10.50
C VAL A 260 5.07 5.91 9.39
N ALA A 261 3.97 6.15 8.68
CA ALA A 261 3.96 7.05 7.53
C ALA A 261 2.55 7.55 7.21
N PRO A 262 2.41 8.81 6.78
CA PRO A 262 3.43 9.85 6.68
C PRO A 262 3.71 10.48 8.05
N ILE A 263 4.97 10.55 8.43
CA ILE A 263 5.33 11.26 9.67
C ILE A 263 5.13 12.74 9.38
N TYR A 264 4.26 13.37 10.16
CA TYR A 264 3.71 14.69 9.84
C TYR A 264 3.75 15.57 11.09
N ARG A 265 4.28 16.78 10.96
CA ARG A 265 4.51 17.66 12.11
C ARG A 265 3.30 18.55 12.41
N HIS A 266 2.19 17.90 12.79
CA HIS A 266 0.98 18.60 13.22
C HIS A 266 1.16 19.18 14.63
N GLU A 267 0.18 19.97 15.06
CA GLU A 267 0.19 20.53 16.41
C GLU A 267 0.25 19.40 17.43
N GLY A 268 1.32 19.38 18.23
CA GLY A 268 1.48 18.36 19.26
C GLY A 268 1.88 17.01 18.69
N TRP A 269 2.73 17.01 17.68
CA TRP A 269 3.16 15.77 17.02
C TRP A 269 4.03 14.92 17.95
N GLU A 270 4.90 15.57 18.72
CA GLU A 270 5.75 14.86 19.67
C GLU A 270 4.94 13.99 20.62
N ARG A 271 3.93 14.59 21.24
CA ARG A 271 3.03 13.85 22.14
C ARG A 271 2.11 12.94 21.34
N GLY A 272 1.66 13.41 20.18
CA GLY A 272 0.81 12.63 19.29
C GLY A 272 1.43 11.32 18.86
N TYR A 273 2.72 11.34 18.55
CA TYR A 273 3.46 10.13 18.16
C TYR A 273 3.97 9.33 19.35
N PHE A 274 4.08 9.95 20.53
CA PHE A 274 4.41 9.20 21.75
C PHE A 274 3.28 8.25 22.12
N GLU A 275 2.05 8.75 22.02
CA GLU A 275 0.87 7.98 22.37
C GLU A 275 0.55 6.90 21.34
N LEU A 276 1.10 7.05 20.14
CA LEU A 276 0.99 6.01 19.11
C LEU A 276 1.73 4.75 19.55
N PHE A 277 3.02 4.89 19.85
CA PHE A 277 3.83 3.74 20.28
C PHE A 277 3.41 3.22 21.66
N GLN A 278 2.83 4.10 22.48
CA GLN A 278 2.29 3.70 23.77
C GLN A 278 1.09 2.78 23.57
N GLU A 279 0.17 3.20 22.71
CA GLU A 279 -1.03 2.44 22.41
C GLU A 279 -0.70 1.19 21.57
N LEU A 280 0.28 1.32 20.68
CA LEU A 280 0.72 0.19 19.86
C LEU A 280 1.22 -0.95 20.73
N ALA A 281 2.16 -0.64 21.62
CA ALA A 281 2.74 -1.65 22.52
C ALA A 281 1.67 -2.26 23.42
N ARG A 282 0.73 -1.44 23.87
CA ARG A 282 -0.38 -1.89 24.71
C ARG A 282 -1.24 -2.93 23.99
N GLN A 283 -1.51 -2.68 22.71
CA GLN A 283 -2.32 -3.59 21.89
C GLN A 283 -1.56 -4.80 21.35
N LEU A 284 -0.24 -4.85 21.56
CA LEU A 284 0.58 -6.00 21.18
C LEU A 284 1.15 -6.70 22.42
N GLU A 285 0.36 -6.75 23.49
CA GLU A 285 0.82 -7.33 24.75
C GLU A 285 0.90 -8.85 24.71
N GLY A 286 1.97 -9.39 25.30
CA GLY A 286 2.16 -10.83 25.43
C GLY A 286 2.42 -11.56 24.13
N MET A 287 3.07 -10.89 23.19
CA MET A 287 3.32 -11.44 21.86
C MET A 287 4.81 -11.49 21.56
N ASP A 288 5.20 -12.44 20.71
CA ASP A 288 6.58 -12.57 20.26
C ASP A 288 6.87 -11.46 19.25
N LEU A 289 7.57 -10.42 19.69
CA LEU A 289 7.94 -9.30 18.84
C LEU A 289 9.46 -9.17 18.71
N SER A 290 10.12 -10.32 18.66
CA SER A 290 11.58 -10.36 18.49
C SER A 290 11.97 -10.01 17.05
N ASP A 291 11.13 -10.44 16.10
CA ASP A 291 11.34 -10.13 14.69
C ASP A 291 10.35 -9.04 14.23
N LEU A 292 10.25 -7.97 15.01
CA LEU A 292 9.42 -6.82 14.65
C LEU A 292 10.28 -5.76 13.99
N THR A 293 9.80 -5.21 12.89
CA THR A 293 10.52 -4.15 12.17
C THR A 293 9.66 -2.90 12.09
N PHE A 294 10.33 -1.75 12.00
CA PHE A 294 9.68 -0.46 11.81
C PHE A 294 10.29 0.26 10.62
N GLU A 295 9.43 0.94 9.86
CA GLU A 295 9.87 1.78 8.75
C GLU A 295 9.26 3.15 8.92
N LEU A 296 10.04 4.17 8.62
CA LEU A 296 9.68 5.54 8.94
C LEU A 296 9.77 6.38 7.67
N ILE A 297 8.66 7.02 7.32
CA ILE A 297 8.59 7.86 6.13
C ILE A 297 8.00 9.21 6.52
N GLN A 298 8.79 10.26 6.38
CA GLN A 298 8.30 11.62 6.61
C GLN A 298 7.39 12.02 5.45
N HIS A 299 6.42 12.89 5.73
CA HIS A 299 5.50 13.38 4.72
C HIS A 299 6.23 14.08 3.58
N ARG A 300 5.77 13.83 2.35
CA ARG A 300 6.36 14.45 1.18
C ARG A 300 5.32 14.69 0.10
N PHE A 301 5.48 15.76 -0.66
CA PHE A 301 4.61 16.06 -1.79
C PHE A 301 5.37 16.75 -2.92
N THR A 302 4.82 16.65 -4.13
CA THR A 302 5.38 17.30 -5.31
C THR A 302 4.65 18.60 -5.55
N LYS A 303 5.19 19.44 -6.43
CA LYS A 303 4.56 20.72 -6.76
C LYS A 303 3.19 20.56 -7.45
N PRO A 304 3.07 19.62 -8.41
CA PRO A 304 1.73 19.34 -8.94
C PRO A 304 0.73 18.95 -7.86
N ALA A 305 1.13 18.04 -6.97
CA ALA A 305 0.26 17.52 -5.91
C ALA A 305 -0.49 18.59 -5.13
N LYS A 306 0.15 19.72 -4.88
CA LYS A 306 -0.46 20.79 -4.08
C LYS A 306 -1.76 21.30 -4.72
N ARG A 307 -1.77 21.43 -6.05
CA ARG A 307 -2.97 21.86 -6.78
C ARG A 307 -3.91 20.70 -7.12
N VAL A 308 -3.39 19.48 -7.17
CA VAL A 308 -4.21 18.29 -7.37
C VAL A 308 -5.04 17.97 -6.12
N ILE A 309 -4.39 18.06 -4.95
CA ILE A 309 -5.03 17.79 -3.67
C ILE A 309 -6.05 18.87 -3.29
N GLU A 310 -5.78 20.11 -3.69
CA GLU A 310 -6.63 21.25 -3.32
C GLU A 310 -8.05 21.09 -3.89
N GLN A 311 -8.16 20.52 -5.08
CA GLN A 311 -9.46 20.30 -5.72
C GLN A 311 -10.04 18.93 -5.40
N ARG A 312 -9.19 17.90 -5.36
CA ARG A 312 -9.65 16.54 -5.02
C ARG A 312 -10.09 16.40 -3.56
N TYR A 313 -9.51 17.24 -2.68
CA TYR A 313 -9.88 17.26 -1.27
C TYR A 313 -9.95 18.72 -0.79
N PRO A 314 -11.07 19.41 -1.08
CA PRO A 314 -11.25 20.85 -0.83
C PRO A 314 -10.99 21.31 0.61
N LYS A 315 -11.67 20.70 1.58
CA LYS A 315 -11.67 21.18 2.96
C LYS A 315 -10.62 20.50 3.85
N THR A 316 -9.66 19.81 3.24
CA THR A 316 -8.59 19.16 4.02
C THR A 316 -7.77 20.20 4.78
N ARG A 317 -7.39 19.88 6.02
CA ARG A 317 -6.48 20.71 6.79
C ARG A 317 -5.02 20.28 6.65
N LEU A 318 -4.74 19.50 5.61
CA LEU A 318 -3.39 19.02 5.31
C LEU A 318 -2.54 20.20 4.85
N ASP A 319 -1.51 20.53 5.61
CA ASP A 319 -0.65 21.66 5.28
C ASP A 319 0.32 21.28 4.16
N LEU A 320 0.23 22.00 3.04
CA LEU A 320 1.11 21.80 1.91
C LEU A 320 1.87 23.09 1.61
N ASP A 321 2.27 23.77 2.69
CA ASP A 321 3.04 25.01 2.60
C ASP A 321 4.51 24.68 2.36
N GLU A 322 4.96 24.94 1.13
CA GLU A 322 6.35 24.68 0.74
C GLU A 322 7.38 25.51 1.51
N THR A 323 6.95 26.65 2.07
CA THR A 323 7.85 27.51 2.85
C THR A 323 8.26 26.88 4.19
N LYS A 324 7.50 25.88 4.65
CA LYS A 324 7.87 25.07 5.81
C LYS A 324 8.76 23.88 5.44
N ARG A 325 9.08 23.72 4.15
CA ARG A 325 9.74 22.53 3.64
C ARG A 325 11.09 22.86 3.01
N LYS A 326 11.82 21.82 2.60
CA LYS A 326 12.92 21.97 1.66
C LYS A 326 12.60 21.14 0.42
N TYR A 327 12.96 21.66 -0.75
CA TYR A 327 12.75 20.94 -1.99
C TYR A 327 13.94 20.04 -2.28
N LYS A 328 13.67 18.74 -2.36
CA LYS A 328 14.68 17.75 -2.74
C LYS A 328 14.54 17.50 -4.23
N TRP A 329 15.46 18.06 -5.02
CA TRP A 329 15.42 17.92 -6.47
C TRP A 329 15.48 16.45 -6.87
N GLY A 330 14.80 16.10 -7.95
CA GLY A 330 14.73 14.71 -8.40
C GLY A 330 15.99 14.25 -9.11
N ARG A 331 16.03 12.96 -9.43
CA ARG A 331 17.12 12.38 -10.19
C ARG A 331 16.58 11.88 -11.53
N TYR A 332 15.71 10.87 -11.51
CA TYR A 332 15.01 10.38 -12.70
C TYR A 332 13.55 10.81 -12.71
N GLY A 333 12.95 10.90 -11.53
CA GLY A 333 11.61 11.44 -11.37
C GLY A 333 11.69 12.90 -10.98
N ILE A 334 10.53 13.49 -10.72
CA ILE A 334 10.43 14.88 -10.29
C ILE A 334 10.80 14.96 -8.81
N GLY A 335 11.28 16.13 -8.39
CA GLY A 335 11.64 16.36 -6.99
C GLY A 335 10.41 16.49 -6.09
N LYS A 336 10.63 16.58 -4.79
CA LYS A 336 9.55 16.74 -3.83
C LYS A 336 9.96 17.49 -2.57
N TYR A 337 8.97 18.05 -1.89
CA TYR A 337 9.18 18.75 -0.64
C TYR A 337 9.24 17.76 0.51
N VAL A 338 10.25 17.92 1.36
CA VAL A 338 10.38 17.17 2.59
C VAL A 338 10.67 18.18 3.69
N TYR A 339 10.69 17.74 4.95
CA TYR A 339 11.04 18.66 6.03
C TYR A 339 12.53 18.93 5.94
N ARG A 340 12.94 20.11 6.42
CA ARG A 340 14.35 20.48 6.44
C ARG A 340 15.16 19.44 7.22
N ASP A 341 16.42 19.25 6.81
CA ASP A 341 17.27 18.18 7.36
C ASP A 341 17.23 18.12 8.89
N GLU A 342 17.24 19.30 9.51
CA GLU A 342 17.20 19.40 10.97
C GLU A 342 15.86 18.97 11.57
N GLU A 343 14.76 19.35 10.93
CA GLU A 343 13.44 18.92 11.37
C GLU A 343 13.20 17.45 11.05
N ALA A 344 13.76 16.98 9.94
CA ALA A 344 13.71 15.56 9.60
C ALA A 344 14.44 14.70 10.63
N LYS A 345 15.56 15.21 11.15
CA LYS A 345 16.35 14.46 12.14
C LYS A 345 15.65 14.43 13.50
N GLU A 346 14.91 15.51 13.81
CA GLU A 346 14.09 15.56 15.01
C GLU A 346 13.04 14.45 14.99
N LEU A 347 12.42 14.25 13.83
CA LEU A 347 11.43 13.19 13.66
C LEU A 347 12.06 11.83 13.83
N GLU A 348 13.14 11.57 13.09
CA GLU A 348 13.82 10.29 13.14
C GLU A 348 14.21 9.93 14.56
N ASP A 349 14.89 10.86 15.24
CA ASP A 349 15.38 10.63 16.60
C ASP A 349 14.22 10.38 17.58
N THR A 350 13.12 11.09 17.40
CA THR A 350 11.96 10.93 18.25
C THR A 350 11.34 9.54 18.07
N MET A 351 11.17 9.11 16.82
CA MET A 351 10.58 7.81 16.51
C MET A 351 11.50 6.69 16.98
N ARG A 352 12.79 6.87 16.78
CA ARG A 352 13.79 5.90 17.26
C ARG A 352 13.76 5.76 18.78
N ARG A 353 13.66 6.88 19.49
CA ARG A 353 13.59 6.86 20.97
C ARG A 353 12.32 6.18 21.46
N TYR A 354 11.21 6.37 20.73
CA TYR A 354 9.94 5.78 21.12
C TYR A 354 9.92 4.29 20.86
N ILE A 355 10.37 3.89 19.67
CA ILE A 355 10.49 2.48 19.31
C ILE A 355 11.41 1.77 20.30
N GLU A 356 12.54 2.40 20.62
CA GLU A 356 13.51 1.83 21.57
C GLU A 356 12.95 1.76 23.01
N GLN A 357 12.06 2.70 23.35
CA GLN A 357 11.41 2.71 24.66
C GLN A 357 10.38 1.60 24.81
N PHE A 358 9.46 1.51 23.84
CA PHE A 358 8.32 0.59 23.94
C PHE A 358 8.55 -0.77 23.27
N PHE A 359 9.50 -0.84 22.34
CA PHE A 359 9.78 -2.07 21.60
C PHE A 359 11.27 -2.38 21.57
N PRO A 360 11.86 -2.68 22.75
CA PRO A 360 13.29 -3.01 22.80
C PRO A 360 13.62 -4.29 22.04
N GLY A 361 14.63 -4.22 21.18
CA GLY A 361 14.99 -5.34 20.31
C GLY A 361 14.47 -5.17 18.89
N ALA A 362 13.41 -4.38 18.71
CA ALA A 362 12.87 -4.11 17.39
C ALA A 362 13.90 -3.37 16.56
N TYR A 363 13.82 -3.55 15.23
CA TYR A 363 14.79 -2.99 14.31
C TYR A 363 14.14 -1.96 13.38
N VAL A 364 14.70 -0.74 13.38
CA VAL A 364 14.29 0.29 12.45
C VAL A 364 15.05 0.06 11.15
N GLN A 365 14.34 -0.34 10.11
CA GLN A 365 14.96 -0.66 8.82
C GLN A 365 15.54 0.57 8.13
N TYR A 366 14.80 1.66 8.11
CA TYR A 366 15.27 2.92 7.55
C TYR A 366 14.40 4.10 8.00
N PHE A 367 14.95 5.31 7.90
CA PHE A 367 14.17 6.54 7.93
C PHE A 367 14.34 7.24 6.59
N THR A 368 13.23 7.69 6.01
CA THR A 368 13.25 8.46 4.78
C THR A 368 12.23 9.60 4.84
#